data_6FZU
#
_entry.id   6FZU
#
_cell.length_a   47.918
_cell.length_b   67.874
_cell.length_c   82.451
_cell.angle_alpha   90.000
_cell.angle_beta   101.850
_cell.angle_gamma   90.000
#
_symmetry.space_group_name_H-M   'P 1 21 1'
#
loop_
_entity.id
_entity.type
_entity.pdbx_description
1 polymer 'Nuclear receptor ROR-gamma'
2 polymer 'Nuclear receptor-interacting protein 1'
3 non-polymer ~{N}-(3-chloranyl-4-ethoxy-phenyl)ethanamide
4 water water
#
loop_
_entity_poly.entity_id
_entity_poly.type
_entity_poly.pdbx_seq_one_letter_code
_entity_poly.pdbx_strand_id
1 'polypeptide(L)'
;GPYASLTEIEHLVQSVCKSYRETCQLRLEDLLRQRSNIFSREEVTGYQRKSMWEMWERCAHHLTEAIQYVVEFAKRLSGF
MELCQNDQIVLLKAGAMEVVLVRMCRAYNADNRTVFFEGKYGGMELFRALGCSELISSIFDFSHSLSALHFSEDEIALYT
ALVLINAHRPGLQEKRKVEQLQYNLELAFHHHLSKTHRQSILAKLPPKGKLRSLCSQHVERLQIFQHLHPIVVQAAFPPL
YKELFSTETESPVGLSK
;
A,B
2 'polypeptide(L)' NSHQKVTLLQLLLGHKNEEN P,Q
#
# COMPACT_ATOMS: atom_id res chain seq x y z
N TYR A 3 -41.35 22.43 -7.90
CA TYR A 3 -41.81 22.16 -6.50
C TYR A 3 -42.32 20.73 -6.39
N ALA A 4 -41.40 19.77 -6.30
CA ALA A 4 -41.77 18.36 -6.35
C ALA A 4 -42.57 17.93 -5.13
N SER A 5 -43.68 17.25 -5.39
CA SER A 5 -44.51 16.67 -4.35
C SER A 5 -43.80 15.49 -3.69
N LEU A 6 -44.30 15.10 -2.51
CA LEU A 6 -43.76 13.95 -1.80
C LEU A 6 -43.88 12.67 -2.63
N THR A 7 -44.96 12.56 -3.40
CA THR A 7 -45.20 11.44 -4.30
C THR A 7 -44.18 11.41 -5.46
N GLU A 8 -43.91 12.59 -6.02
CA GLU A 8 -42.90 12.73 -7.07
C GLU A 8 -41.50 12.41 -6.55
N ILE A 9 -41.22 12.79 -5.31
CA ILE A 9 -39.93 12.48 -4.67
C ILE A 9 -39.76 10.95 -4.42
N GLU A 10 -40.83 10.32 -3.93
CA GLU A 10 -40.86 8.86 -3.74
C GLU A 10 -40.64 8.14 -5.05
N HIS A 11 -41.31 8.60 -6.10
CA HIS A 11 -41.10 8.06 -7.44
C HIS A 11 -39.67 8.25 -7.94
N LEU A 12 -39.07 9.40 -7.61
CA LEU A 12 -37.68 9.67 -7.98
C LEU A 12 -36.71 8.69 -7.32
N VAL A 13 -36.92 8.40 -6.03
CA VAL A 13 -36.15 7.38 -5.34
C VAL A 13 -36.18 6.07 -6.13
N GLN A 14 -37.38 5.62 -6.50
CA GLN A 14 -37.54 4.33 -7.18
C GLN A 14 -36.86 4.30 -8.56
N SER A 15 -37.06 5.38 -9.31
CA SER A 15 -36.49 5.57 -10.63
C SER A 15 -34.94 5.53 -10.62
N VAL A 16 -34.33 6.25 -9.69
CA VAL A 16 -32.86 6.29 -9.55
C VAL A 16 -32.31 4.91 -9.17
N CYS A 17 -33.00 4.25 -8.25
CA CYS A 17 -32.59 2.93 -7.76
C CYS A 17 -32.64 1.90 -8.86
N LYS A 18 -33.66 2.00 -9.70
CA LYS A 18 -33.83 1.16 -10.89
C LYS A 18 -32.73 1.43 -11.92
N SER A 19 -32.48 2.71 -12.21
CA SER A 19 -31.41 3.09 -13.15
C SER A 19 -30.05 2.51 -12.74
N TYR A 20 -29.77 2.55 -11.44
CA TYR A 20 -28.53 2.04 -10.88
C TYR A 20 -28.41 0.51 -11.01
N ARG A 21 -29.45 -0.20 -10.57
CA ARG A 21 -29.48 -1.66 -10.66
C ARG A 21 -29.28 -2.16 -12.09
N GLU A 22 -29.87 -1.46 -13.04
CA GLU A 22 -29.77 -1.80 -14.46
C GLU A 22 -28.40 -1.54 -15.08
N THR A 23 -27.60 -0.67 -14.46
CA THR A 23 -26.31 -0.30 -15.02
C THR A 23 -25.17 -0.67 -14.09
N CYS A 24 -25.48 -1.52 -13.12
CA CYS A 24 -24.46 -2.17 -12.31
C CYS A 24 -23.69 -3.14 -13.17
N GLN A 25 -22.37 -3.03 -13.08
CA GLN A 25 -21.47 -3.89 -13.79
C GLN A 25 -21.59 -5.30 -13.26
N LEU A 26 -21.55 -5.42 -11.94
CA LEU A 26 -21.53 -6.69 -11.25
C LEU A 26 -22.72 -6.79 -10.32
N ARG A 27 -23.39 -7.94 -10.34
CA ARG A 27 -24.47 -8.20 -9.40
C ARG A 27 -23.89 -8.43 -8.01
N LEU A 28 -24.49 -7.78 -7.01
CA LEU A 28 -24.01 -7.82 -5.63
C LEU A 28 -23.95 -9.24 -5.07
N GLU A 29 -24.84 -10.09 -5.56
CA GLU A 29 -24.87 -11.49 -5.14
C GLU A 29 -23.65 -12.27 -5.64
N ASP A 30 -23.30 -12.05 -6.91
CA ASP A 30 -22.09 -12.63 -7.51
C ASP A 30 -20.83 -12.17 -6.77
N LEU A 31 -20.79 -10.87 -6.46
CA LEU A 31 -19.70 -10.26 -5.69
C LEU A 31 -19.52 -10.89 -4.31
N LEU A 32 -20.64 -11.20 -3.67
CA LEU A 32 -20.64 -11.81 -2.35
C LEU A 32 -20.24 -13.29 -2.43
N ARG A 33 -20.77 -13.99 -3.42
CA ARG A 33 -20.50 -15.42 -3.60
C ARG A 33 -19.06 -15.68 -4.06
N GLN A 34 -18.25 -14.62 -4.13
CA GLN A 34 -16.83 -14.77 -4.50
C GLN A 34 -15.84 -14.22 -3.46
N ARG A 35 -16.34 -13.86 -2.28
CA ARG A 35 -15.54 -13.18 -1.24
C ARG A 35 -14.29 -13.96 -0.79
N SER A 36 -14.43 -15.28 -0.67
CA SER A 36 -13.31 -16.14 -0.25
C SER A 36 -12.43 -16.55 -1.43
N ASN A 37 -12.87 -16.23 -2.64
CA ASN A 37 -12.08 -16.45 -3.84
C ASN A 37 -10.98 -15.38 -4.00
N ILE A 38 -9.86 -15.62 -3.34
CA ILE A 38 -8.77 -14.65 -3.19
C ILE A 38 -7.51 -15.09 -3.93
N PHE A 39 -6.80 -14.14 -4.54
CA PHE A 39 -5.54 -14.42 -5.24
C PHE A 39 -4.50 -15.03 -4.30
N SER A 40 -3.87 -16.11 -4.76
CA SER A 40 -2.82 -16.78 -3.99
C SER A 40 -1.51 -16.00 -3.97
N ARG A 41 -0.61 -16.36 -3.06
CA ARG A 41 0.76 -15.85 -3.05
C ARG A 41 1.38 -15.87 -4.45
N GLU A 42 1.20 -16.98 -5.17
CA GLU A 42 1.79 -17.14 -6.49
C GLU A 42 1.22 -16.19 -7.52
N GLU A 43 -0.11 -16.09 -7.58
CA GLU A 43 -0.80 -15.20 -8.52
C GLU A 43 -0.46 -13.74 -8.24
N VAL A 44 -0.41 -13.38 -6.97
CA VAL A 44 -0.02 -12.04 -6.55
C VAL A 44 1.40 -11.71 -7.03
N THR A 45 2.31 -12.68 -6.89
CA THR A 45 3.68 -12.52 -7.41
C THR A 45 3.66 -12.31 -8.94
N GLY A 46 2.84 -13.08 -9.65
CA GLY A 46 2.66 -12.94 -11.09
C GLY A 46 2.31 -11.51 -11.52
N TYR A 47 1.37 -10.90 -10.80
CA TYR A 47 0.96 -9.52 -11.06
C TYR A 47 2.07 -8.52 -10.73
N GLN A 48 2.77 -8.74 -9.62
CA GLN A 48 3.83 -7.83 -9.19
C GLN A 48 4.98 -7.86 -10.19
N ARG A 49 5.17 -9.00 -10.82
CA ARG A 49 6.26 -9.19 -11.77
C ARG A 49 5.98 -8.63 -13.17
N LYS A 50 4.71 -8.28 -13.43
CA LYS A 50 4.31 -7.71 -14.71
C LYS A 50 5.00 -6.37 -14.96
N SER A 51 5.08 -6.00 -16.23
CA SER A 51 5.62 -4.70 -16.62
C SER A 51 4.66 -3.57 -16.28
N MET A 52 5.23 -2.38 -16.06
CA MET A 52 4.40 -1.20 -15.80
C MET A 52 3.40 -0.97 -16.90
N TRP A 53 3.85 -1.07 -18.17
CA TRP A 53 2.97 -0.80 -19.31
C TRP A 53 1.80 -1.80 -19.40
N GLU A 54 2.08 -3.08 -19.12
CA GLU A 54 1.05 -4.10 -19.14
C GLU A 54 0.02 -3.86 -18.06
N MET A 55 0.49 -3.53 -16.86
CA MET A 55 -0.41 -3.35 -15.74
C MET A 55 -1.28 -2.11 -15.93
N TRP A 56 -0.66 -1.01 -16.39
CA TRP A 56 -1.42 0.17 -16.75
C TRP A 56 -2.48 -0.09 -17.85
N GLU A 57 -2.10 -0.82 -18.89
CA GLU A 57 -3.00 -1.10 -20.01
C GLU A 57 -4.23 -1.89 -19.54
N ARG A 58 -4.01 -2.87 -18.69
CA ARG A 58 -5.11 -3.67 -18.13
C ARG A 58 -6.02 -2.79 -17.27
N CYS A 59 -5.42 -1.99 -16.40
CA CYS A 59 -6.21 -1.15 -15.51
C CYS A 59 -6.96 -0.07 -16.27
N ALA A 60 -6.33 0.49 -17.30
CA ALA A 60 -7.02 1.46 -18.17
C ALA A 60 -8.25 0.86 -18.84
N HIS A 61 -8.13 -0.39 -19.32
CA HIS A 61 -9.26 -1.08 -19.90
C HIS A 61 -10.39 -1.23 -18.88
N HIS A 62 -10.07 -1.73 -17.68
CA HIS A 62 -11.10 -1.97 -16.67
C HIS A 62 -11.79 -0.67 -16.24
N LEU A 63 -11.02 0.39 -16.09
CA LEU A 63 -11.60 1.68 -15.72
C LEU A 63 -12.55 2.20 -16.81
N THR A 64 -12.14 2.04 -18.07
CA THR A 64 -12.96 2.47 -19.21
C THR A 64 -14.30 1.71 -19.26
N GLU A 65 -14.25 0.40 -19.08
CA GLU A 65 -15.47 -0.43 -18.95
C GLU A 65 -16.40 0.12 -17.84
N ALA A 66 -15.85 0.37 -16.66
CA ALA A 66 -16.58 1.01 -15.55
C ALA A 66 -17.20 2.36 -15.95
N ILE A 67 -16.42 3.18 -16.66
CA ILE A 67 -16.90 4.48 -17.14
C ILE A 67 -18.07 4.31 -18.14
N GLN A 68 -17.95 3.32 -19.04
CA GLN A 68 -19.07 3.01 -19.95
C GLN A 68 -20.38 2.71 -19.21
N TYR A 69 -20.30 1.99 -18.10
CA TYR A 69 -21.52 1.71 -17.33
C TYR A 69 -22.08 2.97 -16.66
N VAL A 70 -21.19 3.89 -16.29
CA VAL A 70 -21.61 5.15 -15.66
C VAL A 70 -22.31 6.05 -16.69
N VAL A 71 -21.80 6.08 -17.92
CA VAL A 71 -22.46 6.79 -18.99
C VAL A 71 -23.86 6.23 -19.17
N GLU A 72 -24.00 4.90 -19.15
CA GLU A 72 -25.32 4.28 -19.27
C GLU A 72 -26.25 4.67 -18.11
N PHE A 73 -25.69 4.75 -16.90
CA PHE A 73 -26.43 5.17 -15.71
C PHE A 73 -26.97 6.59 -15.90
N ALA A 74 -26.11 7.47 -16.38
CA ALA A 74 -26.48 8.85 -16.69
C ALA A 74 -27.62 8.91 -17.70
N LYS A 75 -27.46 8.13 -18.77
CA LYS A 75 -28.46 8.06 -19.84
C LYS A 75 -29.84 7.59 -19.35
N ARG A 76 -29.85 6.78 -18.30
CA ARG A 76 -31.11 6.27 -17.76
C ARG A 76 -31.65 7.08 -16.58
N LEU A 77 -30.87 8.06 -16.12
CA LEU A 77 -31.15 8.79 -14.88
C LEU A 77 -32.18 9.87 -15.15
N SER A 78 -33.24 9.88 -14.34
CA SER A 78 -34.32 10.88 -14.45
C SER A 78 -33.78 12.31 -14.59
N GLY A 79 -34.13 13.00 -15.67
CA GLY A 79 -33.76 14.42 -15.85
C GLY A 79 -32.43 14.71 -16.55
N PHE A 80 -31.51 13.74 -16.54
CA PHE A 80 -30.19 13.96 -17.12
C PHE A 80 -30.23 14.19 -18.63
N MET A 81 -31.03 13.40 -19.34
CA MET A 81 -31.09 13.49 -20.80
C MET A 81 -31.93 14.69 -21.24
N GLU A 82 -32.69 15.26 -20.31
CA GLU A 82 -33.42 16.52 -20.52
C GLU A 82 -32.50 17.73 -20.50
N LEU A 83 -31.29 17.57 -19.93
CA LEU A 83 -30.30 18.64 -19.94
C LEU A 83 -29.76 18.83 -21.36
N CYS A 84 -29.18 20.01 -21.63
CA CYS A 84 -28.60 20.26 -22.94
C CYS A 84 -27.31 19.43 -23.14
N GLN A 85 -26.91 19.27 -24.40
CA GLN A 85 -25.76 18.43 -24.77
C GLN A 85 -24.48 18.86 -24.04
N ASN A 86 -24.24 20.17 -23.99
CA ASN A 86 -23.09 20.73 -23.29
C ASN A 86 -23.00 20.30 -21.82
N ASP A 87 -24.11 20.41 -21.10
CA ASP A 87 -24.15 20.12 -19.67
C ASP A 87 -24.02 18.63 -19.37
N GLN A 88 -24.66 17.79 -20.19
CA GLN A 88 -24.49 16.33 -20.09
C GLN A 88 -23.00 15.97 -20.13
N ILE A 89 -22.28 16.61 -21.06
CA ILE A 89 -20.83 16.42 -21.22
C ILE A 89 -20.03 16.98 -20.05
N VAL A 90 -20.35 18.21 -19.65
CA VAL A 90 -19.64 18.82 -18.52
C VAL A 90 -19.76 17.94 -17.27
N LEU A 91 -20.97 17.45 -17.01
CA LEU A 91 -21.22 16.64 -15.82
C LEU A 91 -20.46 15.31 -15.85
N LEU A 92 -20.50 14.63 -16.99
CA LEU A 92 -19.80 13.36 -17.12
C LEU A 92 -18.28 13.48 -17.08
N LYS A 93 -17.74 14.52 -17.71
CA LYS A 93 -16.31 14.75 -17.73
C LYS A 93 -15.79 14.94 -16.32
N ALA A 94 -16.53 15.71 -15.52
CA ALA A 94 -16.11 16.04 -14.16
C ALA A 94 -16.41 14.92 -13.15
N GLY A 95 -17.43 14.10 -13.45
CA GLY A 95 -17.97 13.19 -12.45
C GLY A 95 -17.89 11.69 -12.69
N ALA A 96 -17.64 11.29 -13.94
CA ALA A 96 -17.66 9.86 -14.28
C ALA A 96 -16.66 9.07 -13.44
N MET A 97 -15.42 9.55 -13.36
CA MET A 97 -14.41 8.93 -12.50
C MET A 97 -14.81 8.93 -11.03
N GLU A 98 -15.41 10.03 -10.57
CA GLU A 98 -15.87 10.11 -9.18
C GLU A 98 -16.91 9.02 -8.87
N VAL A 99 -17.85 8.83 -9.80
CA VAL A 99 -18.89 7.79 -9.64
C VAL A 99 -18.27 6.40 -9.63
N VAL A 100 -17.27 6.18 -10.48
CA VAL A 100 -16.56 4.89 -10.49
C VAL A 100 -15.88 4.62 -9.14
N LEU A 101 -15.23 5.64 -8.59
CA LEU A 101 -14.56 5.53 -7.29
C LEU A 101 -15.52 5.18 -6.15
N VAL A 102 -16.70 5.79 -6.14
CA VAL A 102 -17.76 5.43 -5.18
C VAL A 102 -18.29 4.01 -5.45
N ARG A 103 -18.62 3.71 -6.71
CA ARG A 103 -19.10 2.38 -7.11
C ARG A 103 -18.18 1.23 -6.68
N MET A 104 -16.87 1.47 -6.65
CA MET A 104 -15.88 0.46 -6.29
C MET A 104 -16.13 -0.18 -4.93
N CYS A 105 -16.72 0.56 -3.99
CA CYS A 105 -16.93 0.00 -2.66
C CYS A 105 -17.85 -1.23 -2.67
N ARG A 106 -18.64 -1.40 -3.74
CA ARG A 106 -19.42 -2.63 -3.96
C ARG A 106 -18.53 -3.85 -4.15
N ALA A 107 -17.34 -3.63 -4.69
CA ALA A 107 -16.43 -4.70 -5.06
C ALA A 107 -15.29 -4.82 -4.04
N TYR A 108 -15.41 -4.07 -2.95
CA TYR A 108 -14.37 -4.02 -1.93
C TYR A 108 -14.81 -4.76 -0.65
N ASN A 109 -14.07 -5.81 -0.31
CA ASN A 109 -14.28 -6.54 0.94
C ASN A 109 -13.41 -5.98 2.05
N ALA A 110 -14.06 -5.31 3.01
CA ALA A 110 -13.37 -4.63 4.11
C ALA A 110 -12.77 -5.58 5.16
N ASP A 111 -13.20 -6.84 5.16
CA ASP A 111 -12.70 -7.84 6.13
C ASP A 111 -11.21 -8.09 5.92
N ASN A 112 -10.81 -8.13 4.66
CA ASN A 112 -9.41 -8.39 4.30
C ASN A 112 -8.80 -7.35 3.36
N ARG A 113 -9.48 -6.20 3.24
CA ARG A 113 -9.01 -5.09 2.40
C ARG A 113 -8.65 -5.54 0.99
N THR A 114 -9.57 -6.25 0.35
CA THR A 114 -9.35 -6.71 -1.01
C THR A 114 -10.45 -6.16 -1.92
N VAL A 115 -10.17 -6.18 -3.22
CA VAL A 115 -11.11 -5.71 -4.21
C VAL A 115 -11.22 -6.72 -5.36
N PHE A 116 -12.43 -6.88 -5.87
CA PHE A 116 -12.65 -7.78 -7.00
C PHE A 116 -11.99 -7.20 -8.25
N PHE A 117 -11.05 -7.97 -8.81
CA PHE A 117 -10.22 -7.51 -9.93
C PHE A 117 -9.85 -8.75 -10.72
N GLU A 118 -10.19 -8.74 -12.01
CA GLU A 118 -9.88 -9.84 -12.93
C GLU A 118 -10.17 -11.23 -12.33
N GLY A 119 -11.36 -11.39 -11.77
CA GLY A 119 -11.87 -12.71 -11.40
C GLY A 119 -11.77 -13.12 -9.95
N LYS A 120 -10.88 -12.47 -9.20
CA LYS A 120 -10.70 -12.78 -7.78
C LYS A 120 -10.55 -11.50 -6.97
N TYR A 121 -10.48 -11.66 -5.64
CA TYR A 121 -10.20 -10.56 -4.74
C TYR A 121 -8.72 -10.43 -4.45
N GLY A 122 -8.17 -9.26 -4.79
CA GLY A 122 -6.78 -8.97 -4.51
C GLY A 122 -6.64 -7.75 -3.63
N GLY A 123 -5.61 -7.76 -2.79
CA GLY A 123 -5.24 -6.60 -1.99
C GLY A 123 -4.48 -5.61 -2.84
N MET A 124 -4.16 -4.45 -2.27
CA MET A 124 -3.47 -3.43 -3.06
C MET A 124 -2.03 -3.78 -3.45
N GLU A 125 -1.47 -4.80 -2.79
CA GLU A 125 -0.16 -5.31 -3.17
C GLU A 125 -0.17 -5.93 -4.58
N LEU A 126 -1.36 -6.26 -5.09
CA LEU A 126 -1.47 -6.76 -6.46
C LEU A 126 -1.09 -5.70 -7.51
N PHE A 127 -1.16 -4.44 -7.11
CA PHE A 127 -1.02 -3.32 -8.04
C PHE A 127 0.35 -2.65 -8.01
N ARG A 128 1.33 -3.30 -7.38
CA ARG A 128 2.67 -2.73 -7.24
C ARG A 128 3.36 -2.27 -8.52
N ALA A 129 3.21 -3.06 -9.58
CA ALA A 129 3.87 -2.76 -10.86
C ALA A 129 3.40 -1.46 -11.51
N LEU A 130 2.25 -0.93 -11.08
CA LEU A 130 1.79 0.36 -11.58
C LEU A 130 2.74 1.52 -11.24
N GLY A 131 3.52 1.33 -10.18
CA GLY A 131 4.41 2.39 -9.68
C GLY A 131 3.67 3.62 -9.20
N CYS A 132 2.52 3.44 -8.56
CA CYS A 132 1.79 4.57 -7.98
C CYS A 132 1.10 4.17 -6.68
N SER A 133 1.93 3.80 -5.71
CA SER A 133 1.42 3.19 -4.50
C SER A 133 0.59 4.16 -3.64
N GLU A 134 0.97 5.44 -3.60
CA GLU A 134 0.20 6.39 -2.81
CA GLU A 134 0.22 6.44 -2.84
C GLU A 134 -1.20 6.57 -3.38
N LEU A 135 -1.32 6.64 -4.71
CA LEU A 135 -2.65 6.68 -5.38
C LEU A 135 -3.47 5.43 -5.09
N ILE A 136 -2.88 4.25 -5.31
CA ILE A 136 -3.57 2.98 -5.09
C ILE A 136 -4.06 2.87 -3.63
N SER A 137 -3.17 3.18 -2.68
CA SER A 137 -3.51 3.11 -1.26
C SER A 137 -4.57 4.14 -0.85
N SER A 138 -4.53 5.33 -1.46
CA SER A 138 -5.56 6.35 -1.25
C SER A 138 -6.92 5.85 -1.74
N ILE A 139 -6.93 5.18 -2.88
CA ILE A 139 -8.16 4.58 -3.44
C ILE A 139 -8.73 3.52 -2.49
N PHE A 140 -7.87 2.63 -2.00
CA PHE A 140 -8.26 1.59 -1.06
C PHE A 140 -8.82 2.17 0.26
N ASP A 141 -8.18 3.21 0.77
CA ASP A 141 -8.64 3.90 1.99
C ASP A 141 -10.01 4.55 1.82
N PHE A 142 -10.22 5.14 0.64
CA PHE A 142 -11.51 5.75 0.29
C PHE A 142 -12.62 4.70 0.30
N SER A 143 -12.40 3.59 -0.39
CA SER A 143 -13.32 2.44 -0.38
C SER A 143 -13.56 1.92 1.03
N HIS A 144 -12.49 1.82 1.83
CA HIS A 144 -12.62 1.30 3.19
C HIS A 144 -13.49 2.23 4.04
N SER A 145 -13.24 3.53 3.94
CA SER A 145 -14.01 4.52 4.67
C SER A 145 -15.49 4.50 4.25
N LEU A 146 -15.75 4.33 2.96
CA LEU A 146 -17.12 4.13 2.46
C LEU A 146 -17.77 2.86 3.00
N SER A 147 -17.01 1.76 3.05
CA SER A 147 -17.59 0.51 3.53
C SER A 147 -17.96 0.54 5.01
N ALA A 148 -17.35 1.45 5.76
CA ALA A 148 -17.68 1.68 7.17
C ALA A 148 -19.09 2.26 7.35
N LEU A 149 -19.65 2.81 6.28
CA LEU A 149 -21.01 3.36 6.31
C LEU A 149 -22.07 2.31 6.05
N HIS A 150 -21.63 1.13 5.56
CA HIS A 150 -22.52 0.01 5.26
C HIS A 150 -23.69 0.41 4.34
N PHE A 151 -23.36 1.04 3.21
CA PHE A 151 -24.35 1.44 2.20
C PHE A 151 -25.19 0.27 1.70
N SER A 152 -26.48 0.51 1.52
CA SER A 152 -27.33 -0.39 0.76
C SER A 152 -27.23 0.01 -0.70
N GLU A 153 -27.63 -0.89 -1.59
CA GLU A 153 -27.71 -0.60 -3.02
C GLU A 153 -28.46 0.69 -3.31
N ASP A 154 -29.61 0.87 -2.66
CA ASP A 154 -30.43 2.08 -2.82
C ASP A 154 -29.68 3.37 -2.45
N GLU A 155 -28.97 3.33 -1.32
CA GLU A 155 -28.20 4.48 -0.86
C GLU A 155 -27.08 4.83 -1.84
N ILE A 156 -26.42 3.81 -2.40
CA ILE A 156 -25.37 4.00 -3.41
C ILE A 156 -25.94 4.63 -4.67
N ALA A 157 -27.13 4.18 -5.06
CA ALA A 157 -27.80 4.69 -6.25
C ALA A 157 -28.02 6.19 -6.13
N LEU A 158 -28.53 6.59 -4.97
CA LEU A 158 -28.89 7.99 -4.71
C LEU A 158 -27.65 8.85 -4.55
N TYR A 159 -26.69 8.36 -3.78
CA TYR A 159 -25.43 9.05 -3.57
C TYR A 159 -24.66 9.29 -4.90
N THR A 160 -24.56 8.25 -5.73
CA THR A 160 -23.88 8.40 -7.01
C THR A 160 -24.61 9.34 -7.95
N ALA A 161 -25.95 9.31 -7.94
CA ALA A 161 -26.73 10.30 -8.72
C ALA A 161 -26.29 11.71 -8.36
N LEU A 162 -26.06 11.93 -7.06
CA LEU A 162 -25.66 13.24 -6.55
C LEU A 162 -24.20 13.58 -6.86
N VAL A 163 -23.34 12.56 -6.86
CA VAL A 163 -21.95 12.78 -7.23
C VAL A 163 -21.89 13.31 -8.67
N LEU A 164 -22.77 12.77 -9.53
CA LEU A 164 -22.87 13.17 -10.94
C LEU A 164 -23.59 14.51 -11.18
N ILE A 165 -24.73 14.70 -10.53
CA ILE A 165 -25.54 15.91 -10.76
C ILE A 165 -25.10 17.00 -9.78
N ASN A 166 -24.03 17.70 -10.14
CA ASN A 166 -23.43 18.74 -9.32
C ASN A 166 -23.56 20.08 -10.06
N ALA A 167 -24.46 20.93 -9.57
CA ALA A 167 -24.69 22.25 -10.18
C ALA A 167 -23.48 23.21 -10.11
N HIS A 168 -22.44 22.84 -9.37
CA HIS A 168 -21.27 23.72 -9.25
C HIS A 168 -20.09 23.42 -10.19
N ARG A 169 -20.26 22.44 -11.08
CA ARG A 169 -19.28 22.14 -12.13
C ARG A 169 -19.07 23.36 -13.02
N PRO A 170 -17.80 23.78 -13.20
CA PRO A 170 -17.56 24.88 -14.14
C PRO A 170 -17.99 24.51 -15.56
N GLY A 171 -18.61 25.47 -16.26
CA GLY A 171 -18.93 25.29 -17.67
C GLY A 171 -20.38 24.97 -18.03
N LEU A 172 -21.23 24.83 -17.01
CA LEU A 172 -22.64 24.55 -17.24
C LEU A 172 -23.37 25.76 -17.82
N GLN A 173 -24.30 25.50 -18.73
CA GLN A 173 -25.03 26.55 -19.42
C GLN A 173 -26.48 26.70 -18.95
N GLU A 174 -27.13 25.57 -18.65
CA GLU A 174 -28.43 25.59 -18.00
C GLU A 174 -28.26 25.33 -16.49
N LYS A 175 -27.65 26.28 -15.79
CA LYS A 175 -27.28 26.07 -14.40
C LYS A 175 -28.48 25.86 -13.48
N ARG A 176 -29.53 26.65 -13.67
CA ARG A 176 -30.73 26.52 -12.85
C ARG A 176 -31.40 25.16 -13.03
N LYS A 177 -31.37 24.66 -14.27
CA LYS A 177 -31.91 23.33 -14.57
C LYS A 177 -31.17 22.22 -13.82
N VAL A 178 -29.85 22.33 -13.74
CA VAL A 178 -29.02 21.36 -13.00
C VAL A 178 -29.24 21.53 -11.49
N GLU A 179 -29.37 22.78 -11.05
CA GLU A 179 -29.67 23.09 -9.65
C GLU A 179 -30.95 22.41 -9.19
N GLN A 180 -32.00 22.52 -10.00
CA GLN A 180 -33.28 21.90 -9.69
C GLN A 180 -33.19 20.38 -9.60
N LEU A 181 -32.46 19.76 -10.53
CA LEU A 181 -32.31 18.30 -10.52
C LEU A 181 -31.53 17.84 -9.30
N GLN A 182 -30.42 18.53 -9.00
CA GLN A 182 -29.61 18.23 -7.82
C GLN A 182 -30.45 18.33 -6.54
N TYR A 183 -31.29 19.37 -6.46
CA TYR A 183 -32.11 19.58 -5.26
C TYR A 183 -33.13 18.46 -5.07
N ASN A 184 -33.82 18.09 -6.14
CA ASN A 184 -34.77 16.98 -6.06
C ASN A 184 -34.11 15.66 -5.71
N LEU A 185 -32.95 15.39 -6.31
CA LEU A 185 -32.17 14.22 -5.91
C LEU A 185 -31.73 14.27 -4.45
N GLU A 186 -31.43 15.46 -3.93
CA GLU A 186 -31.09 15.60 -2.49
C GLU A 186 -32.31 15.28 -1.61
N LEU A 187 -33.48 15.78 -2.03
CA LEU A 187 -34.76 15.44 -1.36
C LEU A 187 -35.03 13.94 -1.36
N ALA A 188 -34.87 13.31 -2.51
CA ALA A 188 -35.02 11.85 -2.64
C ALA A 188 -34.07 11.09 -1.70
N PHE A 189 -32.80 11.50 -1.68
CA PHE A 189 -31.79 10.89 -0.83
C PHE A 189 -32.17 11.06 0.66
N HIS A 190 -32.57 12.28 1.03
CA HIS A 190 -32.84 12.56 2.44
C HIS A 190 -34.12 11.86 2.89
N HIS A 191 -35.11 11.81 1.99
CA HIS A 191 -36.35 11.05 2.21
C HIS A 191 -36.10 9.55 2.43
N HIS A 192 -35.28 8.95 1.58
CA HIS A 192 -34.97 7.52 1.70
C HIS A 192 -34.22 7.24 3.02
N LEU A 193 -33.27 8.12 3.36
CA LEU A 193 -32.50 7.96 4.58
C LEU A 193 -33.38 8.01 5.84
N SER A 194 -34.30 8.97 5.89
CA SER A 194 -35.15 9.15 7.07
C SER A 194 -36.09 7.96 7.28
N LYS A 195 -36.59 7.39 6.18
CA LYS A 195 -37.44 6.21 6.26
C LYS A 195 -36.71 5.04 6.93
N THR A 196 -35.38 5.02 6.81
CA THR A 196 -34.55 3.96 7.38
C THR A 196 -33.76 4.41 8.61
N HIS A 197 -34.06 5.61 9.11
CA HIS A 197 -33.28 6.26 10.17
C HIS A 197 -31.77 6.17 9.95
N ARG A 198 -31.36 6.63 8.76
CA ARG A 198 -29.96 6.55 8.34
C ARG A 198 -29.42 7.92 7.97
N GLN A 199 -30.12 8.98 8.38
CA GLN A 199 -29.70 10.34 8.06
C GLN A 199 -28.36 10.72 8.70
N SER A 200 -27.97 9.98 9.73
CA SER A 200 -26.70 10.22 10.43
C SER A 200 -25.47 10.02 9.53
N ILE A 201 -25.64 9.27 8.44
CA ILE A 201 -24.53 9.01 7.51
C ILE A 201 -24.10 10.27 6.75
N LEU A 202 -25.01 11.24 6.63
CA LEU A 202 -24.75 12.45 5.85
C LEU A 202 -23.52 13.25 6.33
N ALA A 203 -23.41 13.43 7.64
CA ALA A 203 -22.25 14.11 8.22
C ALA A 203 -20.97 13.26 8.10
N LYS A 204 -21.14 12.00 7.73
CA LYS A 204 -20.01 11.08 7.60
C LYS A 204 -19.61 10.79 6.13
N LEU A 205 -20.30 11.42 5.19
CA LEU A 205 -19.95 11.31 3.77
C LEU A 205 -18.60 11.98 3.49
N PRO A 206 -17.86 11.48 2.47
CA PRO A 206 -16.57 12.08 2.12
C PRO A 206 -16.69 13.55 1.69
N PRO A 207 -15.85 14.43 2.29
CA PRO A 207 -15.79 15.83 1.84
C PRO A 207 -15.34 15.86 0.38
N LYS A 208 -16.00 16.68 -0.44
CA LYS A 208 -15.80 16.66 -1.89
C LYS A 208 -14.35 16.75 -2.35
N GLY A 209 -13.52 17.43 -1.55
CA GLY A 209 -12.08 17.48 -1.75
C GLY A 209 -11.45 16.10 -1.89
N LYS A 210 -12.03 15.10 -1.22
CA LYS A 210 -11.44 13.75 -1.24
C LYS A 210 -11.54 13.10 -2.61
N LEU A 211 -12.74 13.11 -3.20
CA LEU A 211 -12.95 12.61 -4.55
C LEU A 211 -12.14 13.40 -5.57
N ARG A 212 -12.05 14.72 -5.36
CA ARG A 212 -11.25 15.58 -6.24
C ARG A 212 -9.76 15.26 -6.18
N SER A 213 -9.22 15.04 -4.98
CA SER A 213 -7.81 14.70 -4.83
C SER A 213 -7.48 13.36 -5.49
N LEU A 214 -8.41 12.40 -5.42
CA LEU A 214 -8.22 11.10 -6.07
C LEU A 214 -8.15 11.23 -7.60
N CYS A 215 -9.06 12.00 -8.18
CA CYS A 215 -9.07 12.16 -9.65
C CYS A 215 -7.83 12.91 -10.11
N SER A 216 -7.43 13.89 -9.32
CA SER A 216 -6.24 14.66 -9.59
C SER A 216 -4.97 13.82 -9.52
N GLN A 217 -4.88 12.93 -8.53
CA GLN A 217 -3.72 12.02 -8.43
C GLN A 217 -3.65 11.10 -9.64
N HIS A 218 -4.80 10.59 -10.07
CA HIS A 218 -4.84 9.71 -11.23
C HIS A 218 -4.33 10.41 -12.50
N VAL A 219 -4.79 11.65 -12.73
CA VAL A 219 -4.32 12.43 -13.89
C VAL A 219 -2.79 12.66 -13.81
N GLU A 220 -2.29 13.00 -12.63
CA GLU A 220 -0.86 13.19 -12.43
C GLU A 220 -0.05 11.93 -12.68
N ARG A 221 -0.47 10.82 -12.07
CA ARG A 221 0.25 9.56 -12.27
C ARG A 221 0.24 9.13 -13.73
N LEU A 222 -0.83 9.45 -14.45
CA LEU A 222 -0.89 9.17 -15.88
C LEU A 222 0.08 10.04 -16.67
N GLN A 223 0.25 11.31 -16.28
CA GLN A 223 1.30 12.15 -16.88
C GLN A 223 2.67 11.49 -16.81
N ILE A 224 2.99 10.91 -15.64
CA ILE A 224 4.26 10.23 -15.43
C ILE A 224 4.36 8.94 -16.26
N PHE A 225 3.33 8.09 -16.21
CA PHE A 225 3.29 6.93 -17.08
C PHE A 225 3.52 7.28 -18.55
N GLN A 226 2.78 8.29 -19.04
CA GLN A 226 2.81 8.72 -20.43
C GLN A 226 4.21 9.22 -20.83
N HIS A 227 4.91 9.82 -19.87
CA HIS A 227 6.30 10.20 -20.10
C HIS A 227 7.16 8.97 -20.39
N LEU A 228 7.02 7.95 -19.53
CA LEU A 228 7.80 6.74 -19.62
C LEU A 228 7.44 5.88 -20.83
N HIS A 229 6.17 5.89 -21.22
CA HIS A 229 5.64 5.01 -22.29
C HIS A 229 4.66 5.74 -23.20
N PRO A 230 5.15 6.71 -23.99
CA PRO A 230 4.26 7.53 -24.81
C PRO A 230 3.49 6.76 -25.90
N ILE A 231 4.11 5.76 -26.50
CA ILE A 231 3.49 5.00 -27.59
C ILE A 231 2.37 4.08 -27.09
N VAL A 232 2.59 3.45 -25.93
CA VAL A 232 1.56 2.56 -25.31
C VAL A 232 0.17 3.25 -25.21
N VAL A 233 0.15 4.47 -24.70
CA VAL A 233 -1.08 5.26 -24.58
C VAL A 233 -1.80 5.44 -25.93
N GLN A 234 -1.07 5.92 -26.94
CA GLN A 234 -1.64 6.12 -28.28
C GLN A 234 -2.10 4.82 -28.92
N ALA A 235 -1.33 3.76 -28.71
CA ALA A 235 -1.56 2.51 -29.44
C ALA A 235 -2.51 1.57 -28.73
N ALA A 236 -2.47 1.55 -27.40
CA ALA A 236 -3.13 0.48 -26.66
C ALA A 236 -4.27 0.92 -25.74
N PHE A 237 -4.21 2.15 -25.22
CA PHE A 237 -5.20 2.62 -24.24
C PHE A 237 -6.53 2.91 -24.94
N PRO A 238 -7.68 2.60 -24.28
CA PRO A 238 -8.95 2.94 -24.92
C PRO A 238 -9.03 4.43 -25.21
N PRO A 239 -9.59 4.80 -26.38
CA PRO A 239 -9.65 6.20 -26.76
C PRO A 239 -10.46 7.07 -25.79
N LEU A 240 -11.53 6.54 -25.20
CA LEU A 240 -12.28 7.28 -24.17
C LEU A 240 -11.39 7.63 -22.97
N TYR A 241 -10.57 6.68 -22.54
CA TYR A 241 -9.67 6.88 -21.42
C TYR A 241 -8.75 8.06 -21.74
N LYS A 242 -8.15 7.99 -22.93
CA LYS A 242 -7.27 9.03 -23.46
C LYS A 242 -7.95 10.39 -23.47
N GLU A 243 -9.18 10.42 -23.99
CA GLU A 243 -9.97 11.65 -24.03
C GLU A 243 -10.21 12.26 -22.64
N LEU A 244 -10.60 11.42 -21.68
CA LEU A 244 -10.97 11.88 -20.35
C LEU A 244 -9.81 12.26 -19.42
N PHE A 245 -8.66 11.61 -19.57
CA PHE A 245 -7.58 11.69 -18.56
C PHE A 245 -6.22 12.21 -19.03
N SER A 246 -5.94 12.11 -20.32
CA SER A 246 -4.65 12.57 -20.86
C SER A 246 -4.57 14.08 -20.91
N THR A 247 -3.41 14.61 -20.53
CA THR A 247 -3.19 16.06 -20.47
C THR A 247 -1.98 16.45 -21.31
N TYR B 3 40.88 -7.16 -6.71
CA TYR B 3 41.80 -8.32 -6.54
C TYR B 3 42.37 -8.43 -5.12
N ALA B 4 41.49 -8.41 -4.13
CA ALA B 4 41.92 -8.50 -2.73
C ALA B 4 42.60 -9.84 -2.43
N SER B 5 43.73 -9.78 -1.72
CA SER B 5 44.47 -10.98 -1.33
C SER B 5 43.67 -11.79 -0.30
N LEU B 6 44.13 -13.02 -0.04
CA LEU B 6 43.55 -13.83 1.03
C LEU B 6 43.75 -13.17 2.40
N THR B 7 44.91 -12.53 2.59
CA THR B 7 45.18 -11.77 3.81
C THR B 7 44.19 -10.60 3.94
N GLU B 8 43.93 -9.92 2.83
CA GLU B 8 42.94 -8.83 2.79
C GLU B 8 41.53 -9.33 3.09
N ILE B 9 41.20 -10.49 2.55
CA ILE B 9 39.87 -11.06 2.73
C ILE B 9 39.65 -11.44 4.21
N GLU B 10 40.68 -12.00 4.82
CA GLU B 10 40.59 -12.41 6.23
C GLU B 10 40.52 -11.18 7.14
N HIS B 11 41.28 -10.16 6.81
CA HIS B 11 41.16 -8.86 7.46
C HIS B 11 39.76 -8.24 7.29
N LEU B 12 39.13 -8.42 6.13
CA LEU B 12 37.77 -7.91 5.94
C LEU B 12 36.77 -8.65 6.86
N VAL B 13 36.92 -9.98 6.95
CA VAL B 13 36.10 -10.81 7.85
C VAL B 13 36.14 -10.25 9.27
N GLN B 14 37.35 -10.10 9.80
CA GLN B 14 37.57 -9.56 11.14
C GLN B 14 36.94 -8.18 11.30
N SER B 15 37.11 -7.33 10.29
CA SER B 15 36.59 -5.96 10.32
C SER B 15 35.07 -5.90 10.38
N VAL B 16 34.42 -6.67 9.51
CA VAL B 16 32.95 -6.76 9.49
C VAL B 16 32.38 -7.29 10.81
N CYS B 17 33.01 -8.34 11.35
CA CYS B 17 32.55 -8.94 12.60
C CYS B 17 32.68 -7.94 13.74
N LYS B 18 33.76 -7.19 13.71
CA LYS B 18 33.99 -6.13 14.69
C LYS B 18 32.94 -5.01 14.61
N SER B 19 32.67 -4.52 13.40
CA SER B 19 31.64 -3.50 13.19
C SER B 19 30.28 -3.99 13.69
N TYR B 20 29.99 -5.27 13.45
CA TYR B 20 28.73 -5.83 13.90
C TYR B 20 28.67 -5.90 15.44
N ARG B 21 29.70 -6.46 16.06
CA ARG B 21 29.74 -6.58 17.54
C ARG B 21 29.59 -5.25 18.26
N GLU B 22 30.13 -4.19 17.65
CA GLU B 22 30.06 -2.84 18.19
C GLU B 22 28.65 -2.21 18.06
N THR B 23 27.82 -2.76 17.20
CA THR B 23 26.57 -2.09 16.89
C THR B 23 25.34 -3.02 16.97
N CYS B 24 25.46 -4.14 17.69
CA CYS B 24 24.42 -5.18 17.62
C CYS B 24 23.16 -4.97 18.47
N GLN B 25 23.12 -3.85 19.22
CA GLN B 25 21.95 -3.39 19.99
C GLN B 25 21.62 -4.22 21.23
N LEU B 26 21.32 -5.50 21.03
CA LEU B 26 21.02 -6.39 22.12
C LEU B 26 22.09 -7.47 22.19
N ARG B 27 22.51 -7.81 23.40
CA ARG B 27 23.49 -8.88 23.59
C ARG B 27 22.79 -10.22 23.42
N LEU B 28 23.39 -11.14 22.66
CA LEU B 28 22.74 -12.42 22.36
C LEU B 28 22.48 -13.24 23.61
N GLU B 29 23.49 -13.34 24.47
CA GLU B 29 23.41 -14.10 25.72
C GLU B 29 22.27 -13.57 26.60
N ASP B 30 22.04 -12.26 26.57
CA ASP B 30 20.90 -11.65 27.26
C ASP B 30 19.56 -12.06 26.66
N LEU B 31 19.50 -12.16 25.33
CA LEU B 31 18.27 -12.58 24.64
C LEU B 31 17.92 -14.04 24.94
N LEU B 32 18.93 -14.90 24.92
CA LEU B 32 18.73 -16.32 25.22
C LEU B 32 18.38 -16.50 26.71
N ARG B 33 19.07 -15.77 27.58
CA ARG B 33 18.83 -15.84 29.03
C ARG B 33 17.37 -15.54 29.35
N GLN B 34 16.75 -14.70 28.52
CA GLN B 34 15.39 -14.23 28.71
C GLN B 34 14.32 -15.16 28.16
N ARG B 35 14.72 -16.25 27.49
CA ARG B 35 13.78 -17.13 26.78
C ARG B 35 12.64 -17.68 27.64
N SER B 36 12.95 -18.00 28.89
CA SER B 36 11.92 -18.53 29.79
C SER B 36 11.11 -17.41 30.49
N ASN B 37 11.46 -16.15 30.19
CA ASN B 37 10.64 -15.00 30.62
C ASN B 37 9.60 -14.63 29.56
N ILE B 38 8.40 -15.17 29.71
CA ILE B 38 7.35 -15.08 28.70
C ILE B 38 6.15 -14.29 29.22
N PHE B 39 5.55 -13.46 28.37
CA PHE B 39 4.36 -12.69 28.72
C PHE B 39 3.22 -13.62 29.16
N SER B 40 2.49 -13.20 30.20
CA SER B 40 1.33 -13.98 30.65
C SER B 40 0.14 -13.73 29.76
N ARG B 41 -0.86 -14.64 29.83
CA ARG B 41 -2.10 -14.50 29.07
C ARG B 41 -2.76 -13.13 29.28
N GLU B 42 -2.77 -12.65 30.52
CA GLU B 42 -3.31 -11.32 30.84
C GLU B 42 -2.56 -10.20 30.13
N GLU B 43 -1.23 -10.28 30.15
CA GLU B 43 -0.38 -9.27 29.50
C GLU B 43 -0.64 -9.21 28.00
N VAL B 44 -0.77 -10.38 27.38
CA VAL B 44 -1.09 -10.48 25.95
C VAL B 44 -2.42 -9.81 25.63
N THR B 45 -3.44 -10.07 26.46
CA THR B 45 -4.75 -9.45 26.31
C THR B 45 -4.66 -7.92 26.35
N GLY B 46 -3.86 -7.41 27.29
CA GLY B 46 -3.60 -5.98 27.41
C GLY B 46 -3.10 -5.38 26.11
N TYR B 47 -2.10 -6.04 25.50
CA TYR B 47 -1.53 -5.58 24.23
C TYR B 47 -2.58 -5.62 23.12
N GLN B 48 -3.40 -6.68 23.12
CA GLN B 48 -4.43 -6.84 22.11
C GLN B 48 -5.54 -5.80 22.18
N ARG B 49 -5.81 -5.29 23.38
CA ARG B 49 -6.85 -4.28 23.56
C ARG B 49 -6.39 -2.84 23.38
N LYS B 50 -5.08 -2.65 23.19
CA LYS B 50 -4.52 -1.32 22.90
C LYS B 50 -5.13 -0.78 21.61
N SER B 51 -5.18 0.54 21.50
CA SER B 51 -5.63 1.17 20.27
C SER B 51 -4.59 0.96 19.19
N MET B 52 -5.03 1.01 17.93
CA MET B 52 -4.13 0.86 16.81
C MET B 52 -3.04 1.94 16.78
N TRP B 53 -3.42 3.19 17.02
CA TRP B 53 -2.48 4.31 16.94
C TRP B 53 -1.38 4.17 17.98
N GLU B 54 -1.74 3.66 19.16
CA GLU B 54 -0.77 3.52 20.23
C GLU B 54 0.17 2.32 19.98
N MET B 55 -0.38 1.24 19.45
CA MET B 55 0.44 0.07 19.12
C MET B 55 1.40 0.40 17.96
N TRP B 56 0.91 1.11 16.95
CA TRP B 56 1.77 1.54 15.85
C TRP B 56 2.85 2.51 16.34
N GLU B 57 2.47 3.42 17.23
CA GLU B 57 3.41 4.40 17.73
C GLU B 57 4.54 3.72 18.50
N ARG B 58 4.21 2.79 19.39
CA ARG B 58 5.24 2.10 20.13
C ARG B 58 6.12 1.25 19.21
N CYS B 59 5.52 0.57 18.24
CA CYS B 59 6.28 -0.25 17.30
C CYS B 59 7.23 0.57 16.42
N ALA B 60 6.76 1.72 15.93
CA ALA B 60 7.56 2.63 15.11
C ALA B 60 8.79 3.15 15.89
N HIS B 61 8.59 3.43 17.18
CA HIS B 61 9.70 3.77 18.08
C HIS B 61 10.74 2.64 18.17
N HIS B 62 10.28 1.43 18.45
CA HIS B 62 11.17 0.27 18.50
C HIS B 62 11.92 0.05 17.19
N LEU B 63 11.19 0.16 16.08
CA LEU B 63 11.81 -0.06 14.79
C LEU B 63 12.87 1.03 14.52
N THR B 64 12.57 2.27 14.92
CA THR B 64 13.48 3.40 14.73
C THR B 64 14.78 3.22 15.51
N GLU B 65 14.66 2.84 16.79
CA GLU B 65 15.83 2.50 17.60
C GLU B 65 16.74 1.41 16.96
N ALA B 66 16.12 0.34 16.48
CA ALA B 66 16.85 -0.69 15.75
C ALA B 66 17.53 -0.14 14.49
N ILE B 67 16.85 0.75 13.78
CA ILE B 67 17.40 1.35 12.57
C ILE B 67 18.60 2.21 12.94
N GLN B 68 18.49 2.92 14.05
CA GLN B 68 19.61 3.75 14.48
C GLN B 68 20.90 2.94 14.65
N TYR B 69 20.80 1.73 15.20
CA TYR B 69 21.95 0.85 15.28
C TYR B 69 22.47 0.39 13.89
N VAL B 70 21.56 0.13 12.95
CA VAL B 70 21.95 -0.27 11.60
C VAL B 70 22.69 0.87 10.87
N VAL B 71 22.26 2.11 11.14
CA VAL B 71 22.93 3.27 10.55
C VAL B 71 24.37 3.33 11.08
N GLU B 72 24.55 3.09 12.37
CA GLU B 72 25.89 3.03 12.96
C GLU B 72 26.73 1.84 12.46
N PHE B 73 26.09 0.69 12.23
CA PHE B 73 26.75 -0.44 11.56
C PHE B 73 27.33 -0.02 10.19
N ALA B 74 26.48 0.60 9.38
CA ALA B 74 26.86 1.04 8.03
C ALA B 74 28.05 2.00 8.12
N LYS B 75 27.97 2.94 9.06
CA LYS B 75 29.04 3.93 9.27
C LYS B 75 30.39 3.28 9.55
N ARG B 76 30.38 2.16 10.30
CA ARG B 76 31.59 1.45 10.70
C ARG B 76 32.01 0.33 9.74
N LEU B 77 31.20 0.09 8.70
CA LEU B 77 31.40 -1.06 7.83
C LEU B 77 32.44 -0.72 6.79
N SER B 78 33.48 -1.55 6.74
CA SER B 78 34.59 -1.32 5.82
C SER B 78 34.07 -1.10 4.41
N GLY B 79 34.42 0.05 3.82
CA GLY B 79 34.06 0.34 2.44
C GLY B 79 32.80 1.15 2.20
N PHE B 80 31.89 1.21 3.18
CA PHE B 80 30.60 1.89 2.99
C PHE B 80 30.77 3.40 2.84
N MET B 81 31.52 4.00 3.76
CA MET B 81 31.70 5.45 3.75
C MET B 81 32.67 5.88 2.63
N GLU B 82 33.27 4.90 1.96
CA GLU B 82 34.10 5.11 0.78
C GLU B 82 33.25 5.34 -0.46
N LEU B 83 32.00 4.87 -0.43
CA LEU B 83 31.09 5.05 -1.55
C LEU B 83 30.63 6.50 -1.61
N CYS B 84 30.16 6.97 -2.76
CA CYS B 84 29.70 8.36 -2.86
C CYS B 84 28.45 8.59 -2.00
N GLN B 85 28.30 9.83 -1.54
CA GLN B 85 27.19 10.21 -0.66
C GLN B 85 25.82 9.73 -1.14
N ASN B 86 25.51 9.90 -2.43
CA ASN B 86 24.22 9.43 -2.95
C ASN B 86 24.01 7.93 -2.72
N ASP B 87 25.05 7.16 -3.01
CA ASP B 87 24.93 5.70 -2.96
C ASP B 87 24.81 5.20 -1.52
N GLN B 88 25.50 5.85 -0.59
CA GLN B 88 25.30 5.56 0.84
C GLN B 88 23.82 5.70 1.20
N ILE B 89 23.20 6.78 0.73
CA ILE B 89 21.79 7.04 1.02
C ILE B 89 20.88 5.99 0.37
N VAL B 90 21.10 5.72 -0.92
CA VAL B 90 20.32 4.71 -1.64
C VAL B 90 20.38 3.36 -0.93
N LEU B 91 21.59 2.94 -0.56
CA LEU B 91 21.77 1.63 0.10
C LEU B 91 21.08 1.59 1.46
N LEU B 92 21.25 2.62 2.27
CA LEU B 92 20.58 2.65 3.58
C LEU B 92 19.06 2.74 3.51
N LYS B 93 18.55 3.57 2.60
CA LYS B 93 17.10 3.72 2.44
C LYS B 93 16.43 2.39 2.10
N ALA B 94 17.07 1.62 1.22
CA ALA B 94 16.53 0.33 0.80
C ALA B 94 16.87 -0.76 1.80
N GLY B 95 18.03 -0.65 2.42
CA GLY B 95 18.62 -1.75 3.19
C GLY B 95 18.37 -1.76 4.68
N ALA B 96 18.10 -0.60 5.29
CA ALA B 96 18.07 -0.53 6.76
C ALA B 96 17.02 -1.48 7.32
N MET B 97 15.82 -1.46 6.73
CA MET B 97 14.75 -2.34 7.21
C MET B 97 15.07 -3.82 6.94
N GLU B 98 15.74 -4.11 5.84
CA GLU B 98 16.08 -5.49 5.52
C GLU B 98 17.07 -6.00 6.57
N VAL B 99 18.01 -5.16 6.97
CA VAL B 99 18.98 -5.57 7.99
C VAL B 99 18.30 -5.83 9.34
N VAL B 100 17.39 -4.93 9.73
CA VAL B 100 16.62 -5.09 10.96
C VAL B 100 15.84 -6.42 10.92
N LEU B 101 15.19 -6.72 9.79
CA LEU B 101 14.44 -7.99 9.72
C LEU B 101 15.35 -9.21 9.91
N VAL B 102 16.55 -9.16 9.34
CA VAL B 102 17.54 -10.21 9.58
C VAL B 102 17.97 -10.26 11.05
N ARG B 103 18.31 -9.09 11.62
CA ARG B 103 18.76 -9.04 13.02
C ARG B 103 17.73 -9.60 14.01
N MET B 104 16.46 -9.39 13.70
CA MET B 104 15.33 -9.85 14.52
C MET B 104 15.35 -11.36 14.83
N CYS B 105 15.97 -12.15 13.98
CA CYS B 105 15.95 -13.61 14.20
C CYS B 105 16.70 -13.98 15.49
N ARG B 106 17.62 -13.12 15.94
CA ARG B 106 18.31 -13.32 17.21
C ARG B 106 17.35 -13.27 18.40
N ALA B 107 16.29 -12.50 18.24
CA ALA B 107 15.32 -12.27 19.30
C ALA B 107 14.13 -13.20 19.17
N TYR B 108 14.28 -14.23 18.31
CA TYR B 108 13.20 -15.16 18.00
C TYR B 108 13.51 -16.56 18.54
N ASN B 109 12.53 -17.14 19.23
CA ASN B 109 12.68 -18.44 19.86
C ASN B 109 11.79 -19.43 19.12
N ALA B 110 12.40 -20.22 18.24
CA ALA B 110 11.67 -21.16 17.38
C ALA B 110 10.92 -22.25 18.14
N ASP B 111 11.34 -22.51 19.38
CA ASP B 111 10.76 -23.58 20.21
C ASP B 111 9.34 -23.32 20.65
N ASN B 112 9.01 -22.07 20.98
CA ASN B 112 7.62 -21.71 21.31
C ASN B 112 7.08 -20.60 20.42
N ARG B 113 7.81 -20.28 19.35
CA ARG B 113 7.44 -19.25 18.37
C ARG B 113 7.17 -17.89 19.00
N THR B 114 8.14 -17.43 19.80
CA THR B 114 8.00 -16.15 20.48
C THR B 114 9.12 -15.20 20.07
N VAL B 115 8.86 -13.89 20.21
CA VAL B 115 9.89 -12.87 19.96
C VAL B 115 10.04 -12.02 21.21
N PHE B 116 11.27 -11.59 21.48
CA PHE B 116 11.55 -10.68 22.57
C PHE B 116 11.03 -9.29 22.22
N PHE B 117 10.11 -8.80 23.04
CA PHE B 117 9.45 -7.52 22.78
C PHE B 117 9.14 -6.89 24.13
N GLU B 118 9.59 -5.65 24.30
CA GLU B 118 9.37 -4.90 25.53
C GLU B 118 9.64 -5.72 26.81
N GLY B 119 10.73 -6.48 26.82
CA GLY B 119 11.22 -7.08 28.06
C GLY B 119 10.84 -8.53 28.32
N LYS B 120 9.88 -9.06 27.54
CA LYS B 120 9.54 -10.48 27.62
C LYS B 120 9.32 -11.07 26.21
N TYR B 121 9.23 -12.39 26.15
CA TYR B 121 8.91 -13.09 24.91
C TYR B 121 7.41 -13.25 24.72
N GLY B 122 6.94 -12.92 23.52
CA GLY B 122 5.54 -13.07 23.16
C GLY B 122 5.36 -13.62 21.77
N GLY B 123 4.23 -14.28 21.54
CA GLY B 123 3.89 -14.80 20.22
C GLY B 123 3.28 -13.73 19.34
N MET B 124 2.92 -14.10 18.11
CA MET B 124 2.52 -13.11 17.12
C MET B 124 1.17 -12.44 17.40
N GLU B 125 0.33 -13.14 18.15
CA GLU B 125 -1.00 -12.66 18.51
C GLU B 125 -0.92 -11.41 19.39
N LEU B 126 0.24 -11.22 20.04
CA LEU B 126 0.51 -10.02 20.83
C LEU B 126 0.41 -8.75 19.98
N PHE B 127 0.63 -8.90 18.68
CA PHE B 127 0.69 -7.74 17.77
C PHE B 127 -0.63 -7.43 17.07
N ARG B 128 -1.71 -8.03 17.56
CA ARG B 128 -3.02 -7.95 16.90
C ARG B 128 -3.56 -6.52 16.72
N ALA B 129 -3.37 -5.68 17.73
CA ALA B 129 -3.87 -4.30 17.66
C ALA B 129 -3.34 -3.52 16.46
N LEU B 130 -2.19 -3.95 15.92
CA LEU B 130 -1.62 -3.30 14.74
C LEU B 130 -2.53 -3.42 13.52
N GLY B 131 -3.32 -4.49 13.46
CA GLY B 131 -4.24 -4.72 12.34
C GLY B 131 -3.55 -5.07 11.04
N CYS B 132 -2.47 -5.83 11.14
CA CYS B 132 -1.76 -6.33 9.97
C CYS B 132 -1.22 -7.73 10.24
N SER B 133 -2.12 -8.65 10.59
CA SER B 133 -1.71 -10.00 11.00
C SER B 133 -0.97 -10.78 9.90
N GLU B 134 -1.30 -10.50 8.64
CA GLU B 134 -0.61 -11.11 7.49
C GLU B 134 0.86 -10.70 7.47
N LEU B 135 1.11 -9.39 7.58
CA LEU B 135 2.49 -8.91 7.62
C LEU B 135 3.24 -9.52 8.80
N ILE B 136 2.62 -9.50 9.97
CA ILE B 136 3.22 -10.06 11.19
C ILE B 136 3.50 -11.56 11.06
N SER B 137 2.53 -12.31 10.54
CA SER B 137 2.74 -13.75 10.32
CA SER B 137 2.73 -13.75 10.32
C SER B 137 3.90 -13.98 9.37
N SER B 138 3.98 -13.17 8.32
CA SER B 138 5.05 -13.24 7.32
C SER B 138 6.40 -12.98 7.97
N ILE B 139 6.43 -12.03 8.92
CA ILE B 139 7.69 -11.70 9.60
C ILE B 139 8.08 -12.82 10.54
N PHE B 140 7.11 -13.36 11.26
CA PHE B 140 7.35 -14.52 12.11
C PHE B 140 7.87 -15.72 11.32
N ASP B 141 7.26 -15.99 10.16
CA ASP B 141 7.74 -17.08 9.28
C ASP B 141 9.17 -16.85 8.81
N PHE B 142 9.50 -15.59 8.52
CA PHE B 142 10.82 -15.24 8.03
C PHE B 142 11.86 -15.48 9.13
N SER B 143 11.56 -14.99 10.33
CA SER B 143 12.44 -15.21 11.48
C SER B 143 12.62 -16.69 11.74
N HIS B 144 11.52 -17.44 11.63
CA HIS B 144 11.55 -18.89 11.79
C HIS B 144 12.53 -19.56 10.81
N SER B 145 12.47 -19.14 9.53
CA SER B 145 13.33 -19.69 8.47
C SER B 145 14.82 -19.40 8.69
N LEU B 146 15.11 -18.19 9.17
CA LEU B 146 16.48 -17.84 9.58
C LEU B 146 16.97 -18.58 10.83
N SER B 147 16.13 -18.73 11.85
CA SER B 147 16.57 -19.41 13.07
C SER B 147 16.88 -20.88 12.77
N ALA B 148 16.24 -21.42 11.75
CA ALA B 148 16.49 -22.79 11.32
C ALA B 148 17.91 -22.97 10.79
N LEU B 149 18.53 -21.89 10.31
CA LEU B 149 19.91 -21.94 9.81
C LEU B 149 20.99 -21.91 10.90
N HIS B 150 20.58 -21.65 12.14
CA HIS B 150 21.49 -21.51 13.30
C HIS B 150 22.72 -20.64 13.03
N PHE B 151 22.49 -19.40 12.61
CA PHE B 151 23.58 -18.46 12.35
C PHE B 151 24.37 -18.22 13.63
N SER B 152 25.70 -18.14 13.53
CA SER B 152 26.49 -17.53 14.58
C SER B 152 26.44 -16.01 14.44
N GLU B 153 26.91 -15.32 15.47
CA GLU B 153 27.05 -13.86 15.45
C GLU B 153 27.93 -13.41 14.28
N ASP B 154 29.02 -14.13 14.02
CA ASP B 154 29.92 -13.80 12.92
C ASP B 154 29.22 -13.93 11.57
N GLU B 155 28.41 -14.98 11.43
CA GLU B 155 27.62 -15.20 10.21
C GLU B 155 26.58 -14.11 10.01
N ILE B 156 25.92 -13.69 11.09
CA ILE B 156 24.95 -12.57 11.00
C ILE B 156 25.66 -11.30 10.53
N ALA B 157 26.86 -11.06 11.07
CA ALA B 157 27.65 -9.87 10.69
C ALA B 157 27.91 -9.85 9.19
N LEU B 158 28.39 -10.98 8.67
CA LEU B 158 28.79 -11.09 7.27
C LEU B 158 27.58 -11.07 6.34
N TYR B 159 26.52 -11.76 6.72
CA TYR B 159 25.30 -11.75 5.90
C TYR B 159 24.62 -10.37 5.85
N THR B 160 24.49 -9.72 7.00
CA THR B 160 23.89 -8.37 7.07
C THR B 160 24.70 -7.34 6.28
N ALA B 161 26.01 -7.51 6.25
CA ALA B 161 26.85 -6.65 5.41
C ALA B 161 26.40 -6.77 3.94
N LEU B 162 26.11 -8.01 3.53
CA LEU B 162 25.75 -8.27 2.13
C LEU B 162 24.32 -7.83 1.86
N VAL B 163 23.48 -7.89 2.89
CA VAL B 163 22.11 -7.39 2.77
C VAL B 163 22.16 -5.89 2.45
N LEU B 164 23.03 -5.17 3.16
CA LEU B 164 23.19 -3.75 2.96
C LEU B 164 23.89 -3.38 1.65
N ILE B 165 25.02 -4.03 1.37
CA ILE B 165 25.79 -3.73 0.16
C ILE B 165 25.26 -4.58 -1.01
N ASN B 166 24.15 -4.11 -1.57
CA ASN B 166 23.43 -4.80 -2.62
C ASN B 166 23.49 -3.91 -3.86
N ALA B 167 24.24 -4.35 -4.88
CA ALA B 167 24.48 -3.52 -6.07
C ALA B 167 23.30 -3.50 -7.04
N HIS B 168 22.25 -4.22 -6.68
CA HIS B 168 21.01 -4.27 -7.47
C HIS B 168 20.03 -3.13 -7.19
N ARG B 169 20.27 -2.36 -6.12
CA ARG B 169 19.35 -1.26 -5.77
C ARG B 169 19.28 -0.24 -6.89
N PRO B 170 18.05 0.11 -7.32
CA PRO B 170 17.81 1.19 -8.30
C PRO B 170 18.36 2.52 -7.81
N GLY B 171 18.88 3.30 -8.74
CA GLY B 171 19.31 4.67 -8.45
C GLY B 171 20.74 4.87 -7.96
N LEU B 172 21.59 3.84 -8.06
CA LEU B 172 22.99 3.98 -7.71
C LEU B 172 23.73 4.77 -8.78
N GLN B 173 24.60 5.69 -8.36
CA GLN B 173 25.37 6.53 -9.28
C GLN B 173 26.65 5.87 -9.73
N GLU B 174 27.24 5.10 -8.82
CA GLU B 174 28.53 4.46 -9.07
C GLU B 174 28.41 2.95 -8.78
N LYS B 175 27.57 2.29 -9.58
CA LYS B 175 27.20 0.87 -9.37
C LYS B 175 28.40 -0.06 -9.29
N ARG B 176 29.42 0.23 -10.10
CA ARG B 176 30.60 -0.63 -10.20
C ARG B 176 31.40 -0.63 -8.91
N LYS B 177 31.39 0.48 -8.19
CA LYS B 177 32.03 0.55 -6.87
C LYS B 177 31.27 -0.31 -5.85
N VAL B 178 29.95 -0.26 -5.92
CA VAL B 178 29.12 -1.11 -5.05
C VAL B 178 29.30 -2.60 -5.42
N GLU B 179 29.42 -2.89 -6.71
CA GLU B 179 29.67 -4.26 -7.18
C GLU B 179 30.99 -4.81 -6.64
N GLN B 180 32.05 -3.98 -6.65
CA GLN B 180 33.35 -4.40 -6.12
C GLN B 180 33.35 -4.69 -4.61
N LEU B 181 32.74 -3.79 -3.84
CA LEU B 181 32.61 -3.99 -2.40
C LEU B 181 31.76 -5.24 -2.09
N GLN B 182 30.67 -5.39 -2.82
CA GLN B 182 29.77 -6.52 -2.61
C GLN B 182 30.48 -7.83 -2.91
N TYR B 183 31.25 -7.87 -4.00
CA TYR B 183 32.02 -9.06 -4.31
C TYR B 183 33.04 -9.41 -3.22
N ASN B 184 33.76 -8.40 -2.72
CA ASN B 184 34.72 -8.62 -1.63
C ASN B 184 34.06 -9.13 -0.35
N LEU B 185 32.90 -8.58 -0.03
CA LEU B 185 32.10 -9.06 1.09
C LEU B 185 31.56 -10.49 0.91
N GLU B 186 31.21 -10.84 -0.34
CA GLU B 186 30.89 -12.23 -0.68
C GLU B 186 32.10 -13.16 -0.50
N LEU B 187 33.28 -12.71 -0.91
CA LEU B 187 34.51 -13.49 -0.68
C LEU B 187 34.78 -13.70 0.81
N ALA B 188 34.55 -12.66 1.60
CA ALA B 188 34.71 -12.77 3.06
C ALA B 188 33.70 -13.75 3.65
N PHE B 189 32.42 -13.57 3.32
CA PHE B 189 31.35 -14.48 3.77
C PHE B 189 31.71 -15.93 3.44
N HIS B 190 32.15 -16.17 2.21
CA HIS B 190 32.43 -17.52 1.75
C HIS B 190 33.66 -18.12 2.39
N HIS B 191 34.70 -17.31 2.58
CA HIS B 191 35.92 -17.71 3.27
C HIS B 191 35.63 -18.12 4.72
N HIS B 192 34.85 -17.31 5.44
CA HIS B 192 34.46 -17.65 6.82
C HIS B 192 33.67 -18.95 6.90
N LEU B 193 32.73 -19.14 5.96
CA LEU B 193 31.89 -20.34 5.94
C LEU B 193 32.63 -21.62 5.57
N SER B 194 33.64 -21.49 4.70
CA SER B 194 34.50 -22.60 4.30
C SER B 194 35.33 -23.06 5.49
N LYS B 195 35.80 -22.08 6.25
CA LYS B 195 36.64 -22.23 7.43
C LYS B 195 35.96 -23.11 8.48
N THR B 196 34.63 -23.08 8.48
CA THR B 196 33.83 -23.67 9.55
C THR B 196 32.95 -24.80 9.01
N HIS B 197 33.15 -25.15 7.74
CA HIS B 197 32.37 -26.14 7.00
C HIS B 197 30.88 -25.84 6.99
N ARG B 198 30.58 -24.57 6.73
CA ARG B 198 29.21 -24.08 6.79
C ARG B 198 28.70 -23.54 5.43
N GLN B 199 29.39 -23.85 4.32
CA GLN B 199 28.97 -23.33 3.01
C GLN B 199 27.63 -23.88 2.55
N SER B 200 27.19 -24.96 3.20
CA SER B 200 25.88 -25.58 2.93
C SER B 200 24.72 -24.60 3.14
N ILE B 201 24.89 -23.61 4.03
CA ILE B 201 23.83 -22.64 4.31
C ILE B 201 23.50 -21.72 3.13
N LEU B 202 24.44 -21.51 2.21
CA LEU B 202 24.21 -20.60 1.08
C LEU B 202 22.95 -20.90 0.24
N ALA B 203 22.74 -22.18 -0.09
CA ALA B 203 21.54 -22.61 -0.81
C ALA B 203 20.26 -22.44 0.00
N LYS B 204 20.40 -22.23 1.31
CA LYS B 204 19.25 -22.17 2.21
C LYS B 204 18.83 -20.74 2.59
N LEU B 205 19.63 -19.75 2.19
CA LEU B 205 19.36 -18.34 2.50
C LEU B 205 18.10 -17.87 1.79
N PRO B 206 17.43 -16.85 2.35
CA PRO B 206 16.18 -16.43 1.69
C PRO B 206 16.38 -15.92 0.27
N PRO B 207 15.37 -16.11 -0.60
CA PRO B 207 15.46 -15.46 -1.91
C PRO B 207 15.43 -13.93 -1.71
N LYS B 208 16.19 -13.17 -2.50
CA LYS B 208 16.32 -11.71 -2.28
C LYS B 208 15.04 -10.91 -2.54
N GLY B 209 14.23 -11.40 -3.46
CA GLY B 209 12.87 -10.89 -3.62
C GLY B 209 12.13 -10.87 -2.30
N LYS B 210 12.46 -11.83 -1.42
CA LYS B 210 11.76 -11.99 -0.16
C LYS B 210 11.92 -10.81 0.79
N LEU B 211 13.17 -10.40 1.05
CA LEU B 211 13.40 -9.26 1.94
C LEU B 211 12.78 -7.99 1.34
N ARG B 212 12.95 -7.80 0.04
CA ARG B 212 12.34 -6.66 -0.67
C ARG B 212 10.83 -6.60 -0.46
N SER B 213 10.19 -7.76 -0.55
CA SER B 213 8.74 -7.84 -0.46
C SER B 213 8.20 -7.60 0.95
N LEU B 214 8.92 -8.10 1.96
CA LEU B 214 8.59 -7.77 3.35
C LEU B 214 8.64 -6.26 3.61
N CYS B 215 9.69 -5.61 3.10
CA CYS B 215 9.82 -4.15 3.20
C CYS B 215 8.69 -3.39 2.49
N SER B 216 8.35 -3.84 1.29
CA SER B 216 7.20 -3.31 0.55
C SER B 216 5.87 -3.50 1.29
N GLN B 217 5.70 -4.66 1.90
CA GLN B 217 4.53 -4.97 2.71
C GLN B 217 4.43 -4.03 3.91
N HIS B 218 5.57 -3.75 4.55
CA HIS B 218 5.63 -2.79 5.68
C HIS B 218 5.21 -1.40 5.23
N VAL B 219 5.73 -0.93 4.10
CA VAL B 219 5.34 0.38 3.56
C VAL B 219 3.82 0.43 3.28
N GLU B 220 3.27 -0.66 2.74
CA GLU B 220 1.84 -0.77 2.48
C GLU B 220 0.94 -0.77 3.72
N ARG B 221 1.39 -1.41 4.81
CA ARG B 221 0.59 -1.38 6.03
C ARG B 221 0.68 0.01 6.67
N LEU B 222 1.80 0.69 6.47
CA LEU B 222 1.95 2.09 6.90
C LEU B 222 1.01 3.03 6.14
N GLN B 223 0.77 2.74 4.86
CA GLN B 223 -0.25 3.44 4.07
C GLN B 223 -1.66 3.26 4.64
N ILE B 224 -2.04 1.99 4.90
CA ILE B 224 -3.30 1.65 5.55
C ILE B 224 -3.47 2.43 6.86
N PHE B 225 -2.39 2.50 7.64
CA PHE B 225 -2.44 3.23 8.90
C PHE B 225 -2.49 4.74 8.72
N GLN B 226 -1.58 5.28 7.92
CA GLN B 226 -1.40 6.73 7.83
C GLN B 226 -2.60 7.45 7.24
N HIS B 227 -3.36 6.74 6.41
CA HIS B 227 -4.59 7.28 5.85
C HIS B 227 -5.67 7.39 6.91
N LEU B 228 -5.70 6.42 7.82
CA LEU B 228 -6.59 6.44 8.98
C LEU B 228 -6.21 7.54 9.98
N HIS B 229 -4.92 7.61 10.32
CA HIS B 229 -4.43 8.47 11.39
C HIS B 229 -3.25 9.34 10.95
N PRO B 230 -3.49 10.33 10.07
CA PRO B 230 -2.40 11.12 9.50
C PRO B 230 -1.74 12.09 10.48
N ILE B 231 -2.50 12.57 11.47
CA ILE B 231 -1.92 13.51 12.41
C ILE B 231 -0.99 12.82 13.40
N VAL B 232 -1.37 11.62 13.81
CA VAL B 232 -0.55 10.77 14.69
C VAL B 232 0.86 10.59 14.11
N VAL B 233 0.92 10.22 12.83
CA VAL B 233 2.21 10.03 12.15
C VAL B 233 2.98 11.34 12.12
N GLN B 234 2.29 12.42 11.75
CA GLN B 234 2.93 13.73 11.64
C GLN B 234 3.45 14.24 13.00
N ALA B 235 2.65 14.06 14.06
CA ALA B 235 2.95 14.61 15.38
C ALA B 235 3.80 13.72 16.29
N ALA B 236 3.71 12.40 16.11
CA ALA B 236 4.19 11.46 17.13
C ALA B 236 5.22 10.42 16.67
N PHE B 237 5.28 10.14 15.37
CA PHE B 237 6.20 9.12 14.86
C PHE B 237 7.61 9.71 14.74
N PRO B 238 8.66 8.89 15.00
CA PRO B 238 10.01 9.40 14.82
C PRO B 238 10.20 9.92 13.40
N PRO B 239 10.83 11.10 13.28
CA PRO B 239 11.11 11.74 12.01
C PRO B 239 11.87 10.81 11.06
N LEU B 240 12.86 10.07 11.56
CA LEU B 240 13.59 9.12 10.72
C LEU B 240 12.66 8.06 10.11
N TYR B 241 11.74 7.54 10.92
CA TYR B 241 10.74 6.57 10.46
C TYR B 241 9.89 7.12 9.30
N LYS B 242 9.33 8.31 9.48
CA LYS B 242 8.56 8.98 8.41
C LYS B 242 9.40 9.12 7.13
N GLU B 243 10.63 9.61 7.27
CA GLU B 243 11.54 9.84 6.13
C GLU B 243 11.77 8.55 5.31
N LEU B 244 12.09 7.46 6.02
CA LEU B 244 12.36 6.19 5.38
C LEU B 244 11.17 5.49 4.73
N PHE B 245 9.98 5.59 5.34
CA PHE B 245 8.88 4.66 5.01
C PHE B 245 7.53 5.24 4.53
N SER B 246 7.30 6.53 4.74
CA SER B 246 6.03 7.12 4.34
C SER B 246 5.99 7.47 2.86
N THR B 247 4.85 7.17 2.21
CA THR B 247 4.65 7.54 0.78
C THR B 247 3.72 8.74 0.63
N THR C 7 -16.67 14.66 -29.79
CA THR C 7 -15.93 13.85 -28.79
C THR C 7 -16.58 12.49 -28.62
N LEU C 8 -15.84 11.58 -27.98
CA LEU C 8 -16.35 10.24 -27.73
C LEU C 8 -17.52 10.24 -26.74
N LEU C 9 -17.46 11.11 -25.74
CA LEU C 9 -18.57 11.25 -24.79
C LEU C 9 -19.88 11.62 -25.50
N GLN C 10 -19.79 12.61 -26.40
CA GLN C 10 -20.93 13.01 -27.23
C GLN C 10 -21.54 11.85 -28.00
N LEU C 11 -20.68 11.09 -28.68
CA LEU C 11 -21.14 9.93 -29.45
C LEU C 11 -21.78 8.86 -28.55
N LEU C 12 -21.20 8.64 -27.38
CA LEU C 12 -21.74 7.66 -26.44
C LEU C 12 -23.10 8.08 -25.88
N LEU C 13 -23.33 9.39 -25.81
CA LEU C 13 -24.59 9.93 -25.31
C LEU C 13 -25.67 9.88 -26.38
N GLY C 14 -25.26 9.58 -27.61
CA GLY C 14 -26.17 9.45 -28.74
C GLY C 14 -26.36 10.76 -29.45
N HIS C 15 -25.42 11.68 -29.27
CA HIS C 15 -25.45 12.99 -29.95
C HIS C 15 -24.85 12.90 -31.35
N THR D 7 18.39 16.18 4.64
CA THR D 7 17.62 15.03 5.17
C THR D 7 18.24 14.47 6.44
N LEU D 8 17.46 13.68 7.17
CA LEU D 8 17.91 13.08 8.41
C LEU D 8 19.00 12.05 8.17
N LEU D 9 18.84 11.26 7.11
CA LEU D 9 19.90 10.33 6.70
C LEU D 9 21.23 11.06 6.46
N GLN D 10 21.18 12.18 5.72
CA GLN D 10 22.34 13.02 5.47
C GLN D 10 22.99 13.47 6.75
N LEU D 11 22.17 13.93 7.69
CA LEU D 11 22.66 14.36 9.00
C LEU D 11 23.34 13.24 9.78
N LEU D 12 22.68 12.08 9.83
CA LEU D 12 23.23 10.92 10.54
C LEU D 12 24.55 10.43 9.95
N LEU D 13 24.70 10.58 8.63
CA LEU D 13 25.90 10.15 7.92
C LEU D 13 27.01 11.21 7.89
N GLY D 14 26.69 12.41 8.35
CA GLY D 14 27.66 13.50 8.40
C GLY D 14 27.96 14.10 7.04
N HIS D 15 26.99 14.05 6.13
CA HIS D 15 27.18 14.53 4.76
C HIS D 15 27.20 16.06 4.64
#